data_8UBQ
#
_entry.id   8UBQ
#
_cell.length_a   115.971
_cell.length_b   64.760
_cell.length_c   74.842
_cell.angle_alpha   90.00
_cell.angle_beta   125.93
_cell.angle_gamma   90.00
#
_symmetry.space_group_name_H-M   'C 1 2 1'
#
loop_
_entity.id
_entity.type
_entity.pdbx_description
1 polymer 'Thiol:disulfide interchange protein DsbA'
2 non-polymer '2-benzyl-4-phenyl-1,3-thiazole-5-carboxylic acid'
3 non-polymer 'COPPER (II) ION'
4 non-polymer N-(2-fluorophenyl)-5-methyl-1,2-oxazole-3-carboxamide
5 water water
#
_entity_poly.entity_id   1
_entity_poly.type   'polypeptide(L)'
_entity_poly.pdbx_seq_one_letter_code
;AQYEDGKQYTTLEKPVAGAPQVLEFFSFFCPHCYQFEEVLHISDNVKKKLPEGVKMTKYHVNFMGGDLGKDLTQAWAVAM
ALGVEDKVTVPLFEGVQKTQTIRSASDIRDVFINAGIKGEEYDAAWNSFVVKSLVAQQEKAAADVQLRGVPAMFVNGKYQ
LNPQGMDTSNMDVFVQQYADTVKYLSEKK
;
_entity_poly.pdbx_strand_id   A,B
#
# COMPACT_ATOMS: atom_id res chain seq x y z
N ALA A 1 -21.27 22.94 13.29
CA ALA A 1 -21.67 22.75 11.90
C ALA A 1 -21.34 21.32 11.47
N GLN A 2 -21.87 20.89 10.32
CA GLN A 2 -21.59 19.54 9.85
C GLN A 2 -20.19 19.43 9.25
N TYR A 3 -19.70 20.50 8.62
CA TYR A 3 -18.32 20.60 8.17
C TYR A 3 -17.65 21.70 8.99
N GLU A 4 -16.55 21.39 9.66
CA GLU A 4 -15.95 22.33 10.59
C GLU A 4 -14.48 22.57 10.26
N ASP A 5 -14.09 23.84 10.17
CA ASP A 5 -12.69 24.16 10.02
C ASP A 5 -11.92 23.61 11.22
N GLY A 6 -10.85 22.89 10.93
CA GLY A 6 -10.14 22.13 11.93
C GLY A 6 -10.52 20.67 12.01
N LYS A 7 -11.60 20.25 11.34
CA LYS A 7 -12.04 18.85 11.47
C LYS A 7 -11.97 18.09 10.15
N GLN A 8 -12.98 18.23 9.27
CA GLN A 8 -12.95 17.57 7.98
C GLN A 8 -11.98 18.26 7.01
N TYR A 9 -11.60 19.48 7.31
CA TYR A 9 -10.65 20.23 6.52
C TYR A 9 -9.93 21.20 7.44
N THR A 10 -8.72 21.56 7.07
CA THR A 10 -8.03 22.66 7.73
C THR A 10 -7.99 23.82 6.75
N THR A 11 -7.84 25.02 7.29
CA THR A 11 -7.86 26.21 6.45
C THR A 11 -6.47 26.81 6.45
N LEU A 12 -5.99 27.17 5.26
CA LEU A 12 -4.60 27.57 5.10
C LEU A 12 -4.38 28.92 5.78
N GLU A 13 -3.47 28.96 6.76
CA GLU A 13 -3.19 30.22 7.44
C GLU A 13 -2.68 31.28 6.47
N LYS A 14 -1.86 30.88 5.50
CA LYS A 14 -1.41 31.77 4.44
C LYS A 14 -2.00 31.34 3.11
N PRO A 15 -3.16 31.86 2.71
CA PRO A 15 -3.83 31.34 1.51
C PRO A 15 -3.05 31.64 0.23
N VAL A 16 -3.17 30.72 -0.72
CA VAL A 16 -2.40 30.74 -1.96
C VAL A 16 -3.30 31.28 -3.07
N ALA A 17 -3.04 32.52 -3.50
CA ALA A 17 -3.83 33.11 -4.57
C ALA A 17 -3.55 32.42 -5.90
N GLY A 18 -4.49 32.56 -6.83
CA GLY A 18 -4.36 32.04 -8.17
C GLY A 18 -3.84 30.62 -8.25
N ALA A 19 -4.40 29.74 -7.43
CA ALA A 19 -4.08 28.32 -7.38
C ALA A 19 -5.14 27.50 -8.10
N PRO A 20 -4.82 26.28 -8.52
CA PRO A 20 -5.81 25.47 -9.25
C PRO A 20 -6.99 25.14 -8.35
N GLN A 21 -8.15 24.95 -8.98
CA GLN A 21 -9.38 24.71 -8.23
C GLN A 21 -9.24 23.50 -7.31
N VAL A 22 -8.93 22.33 -7.89
CA VAL A 22 -8.72 21.10 -7.12
C VAL A 22 -7.31 20.62 -7.41
N LEU A 23 -6.47 20.58 -6.37
CA LEU A 23 -5.05 20.26 -6.49
C LEU A 23 -4.71 19.10 -5.55
N GLU A 24 -4.33 17.96 -6.13
CA GLU A 24 -3.89 16.79 -5.39
C GLU A 24 -2.38 16.60 -5.55
N PHE A 25 -1.74 16.20 -4.47
CA PHE A 25 -0.33 15.81 -4.46
C PHE A 25 -0.24 14.34 -4.06
N PHE A 26 0.70 13.63 -4.67
CA PHE A 26 0.86 12.21 -4.42
C PHE A 26 2.33 11.88 -4.64
N SER A 27 2.73 10.69 -4.19
CA SER A 27 4.00 10.10 -4.59
C SER A 27 3.75 8.63 -4.95
N PHE A 28 4.43 8.15 -5.96
CA PHE A 28 4.37 6.74 -6.32
C PHE A 28 4.97 5.84 -5.24
N PHE A 29 5.68 6.43 -4.27
CA PHE A 29 6.22 5.70 -3.13
C PHE A 29 5.25 5.64 -1.95
N CYS A 30 4.16 6.42 -2.02
CA CYS A 30 3.24 6.53 -0.85
C CYS A 30 2.15 5.45 -0.92
N PRO A 31 2.06 4.55 0.08
CA PRO A 31 1.07 3.46 0.09
C PRO A 31 -0.39 3.95 0.07
N HIS A 32 -0.69 5.00 0.83
CA HIS A 32 -2.08 5.54 0.86
C HIS A 32 -2.41 6.14 -0.51
N CYS A 33 -1.41 6.73 -1.18
CA CYS A 33 -1.63 7.24 -2.56
C CYS A 33 -1.95 6.04 -3.45
N TYR A 34 -1.21 4.94 -3.29
CA TYR A 34 -1.54 3.72 -4.03
C TYR A 34 -3.02 3.37 -3.88
N GLN A 35 -3.50 3.36 -2.64
CA GLN A 35 -4.90 3.02 -2.40
C GLN A 35 -5.85 4.06 -2.97
N PHE A 36 -5.54 5.35 -2.75
CA PHE A 36 -6.35 6.42 -3.33
C PHE A 36 -6.53 6.25 -4.83
N GLU A 37 -5.51 5.71 -5.51
CA GLU A 37 -5.62 5.53 -6.94
C GLU A 37 -6.29 4.20 -7.32
N GLU A 38 -5.75 3.08 -6.83
CA GLU A 38 -6.25 1.84 -7.40
C GLU A 38 -7.41 1.24 -6.63
N VAL A 39 -7.50 1.49 -5.32
CA VAL A 39 -8.55 0.87 -4.51
C VAL A 39 -9.77 1.77 -4.35
N LEU A 40 -9.55 3.06 -4.11
CA LEU A 40 -10.64 4.00 -3.85
C LEU A 40 -11.00 4.88 -5.02
N HIS A 41 -10.08 5.10 -5.96
CA HIS A 41 -10.34 5.94 -7.12
C HIS A 41 -10.85 7.30 -6.67
N ILE A 42 -10.16 7.87 -5.68
CA ILE A 42 -10.57 9.17 -5.12
C ILE A 42 -10.78 10.19 -6.23
N SER A 43 -9.81 10.32 -7.15
CA SER A 43 -9.86 11.42 -8.11
C SER A 43 -11.11 11.34 -8.98
N ASP A 44 -11.47 10.14 -9.45
CA ASP A 44 -12.63 10.06 -10.33
C ASP A 44 -13.92 10.30 -9.55
N ASN A 45 -13.97 9.87 -8.30
CA ASN A 45 -15.17 10.09 -7.50
C ASN A 45 -15.32 11.55 -7.10
N VAL A 46 -14.22 12.24 -6.83
CA VAL A 46 -14.29 13.69 -6.68
C VAL A 46 -14.80 14.33 -7.96
N LYS A 47 -14.25 13.90 -9.11
CA LYS A 47 -14.63 14.51 -10.39
C LYS A 47 -16.11 14.34 -10.68
N LYS A 48 -16.64 13.19 -10.33
CA LYS A 48 -18.04 12.90 -10.60
C LYS A 48 -18.98 13.76 -9.75
N LYS A 49 -18.52 14.28 -8.62
CA LYS A 49 -19.33 15.14 -7.78
C LYS A 49 -19.17 16.63 -8.09
N LEU A 50 -18.20 17.02 -8.93
CA LEU A 50 -18.00 18.44 -9.19
C LEU A 50 -18.67 18.87 -10.48
N PRO A 51 -18.90 20.17 -10.67
CA PRO A 51 -19.52 20.62 -11.92
C PRO A 51 -18.73 20.21 -13.16
N GLU A 52 -19.40 20.33 -14.31
CA GLU A 52 -18.79 20.12 -15.61
C GLU A 52 -17.48 20.86 -15.75
N GLY A 53 -16.49 20.20 -16.35
CA GLY A 53 -15.25 20.84 -16.76
C GLY A 53 -14.51 21.64 -15.72
N VAL A 54 -14.71 21.34 -14.44
CA VAL A 54 -13.87 21.94 -13.41
C VAL A 54 -12.45 21.42 -13.61
N LYS A 55 -11.47 22.24 -13.25
CA LYS A 55 -10.07 21.88 -13.43
C LYS A 55 -9.61 21.09 -12.21
N MET A 56 -9.23 19.83 -12.42
CA MET A 56 -8.55 19.03 -11.43
C MET A 56 -7.09 18.85 -11.84
N THR A 57 -6.18 19.08 -10.91
CA THR A 57 -4.76 18.96 -11.17
C THR A 57 -4.14 17.96 -10.21
N LYS A 58 -3.14 17.20 -10.68
CA LYS A 58 -2.51 16.20 -9.83
C LYS A 58 -1.01 16.25 -10.07
N TYR A 59 -0.25 16.47 -9.00
CA TYR A 59 1.19 16.67 -9.06
C TYR A 59 1.93 15.64 -8.20
N HIS A 60 3.07 15.19 -8.68
CA HIS A 60 3.96 14.31 -7.92
C HIS A 60 4.90 15.16 -7.07
N VAL A 61 5.47 14.56 -6.02
CA VAL A 61 6.34 15.26 -5.08
C VAL A 61 7.70 14.57 -5.02
N ASN A 62 8.71 15.34 -4.62
CA ASN A 62 10.07 14.84 -4.55
C ASN A 62 10.43 14.25 -3.20
N PHE A 63 9.68 14.54 -2.14
CA PHE A 63 10.25 14.30 -0.82
C PHE A 63 10.19 12.84 -0.36
N MET A 64 9.72 11.90 -1.18
CA MET A 64 9.84 10.47 -0.88
C MET A 64 10.64 9.76 -1.95
N GLY A 65 11.47 8.81 -1.52
CA GLY A 65 12.15 7.95 -2.47
C GLY A 65 13.44 8.51 -3.05
N GLY A 66 13.98 9.59 -2.51
CA GLY A 66 15.30 10.04 -2.91
C GLY A 66 15.44 10.31 -4.40
N ASP A 67 16.49 9.76 -5.01
CA ASP A 67 16.78 10.03 -6.40
C ASP A 67 15.65 9.57 -7.31
N LEU A 68 15.18 8.34 -7.10
CA LEU A 68 14.11 7.83 -7.95
C LEU A 68 12.82 8.61 -7.75
N GLY A 69 12.59 9.12 -6.54
CA GLY A 69 11.42 9.96 -6.30
C GLY A 69 11.44 11.20 -7.17
N LYS A 70 12.61 11.80 -7.34
CA LYS A 70 12.75 12.96 -8.22
C LYS A 70 12.66 12.55 -9.69
N ASP A 71 13.18 11.36 -10.05
CA ASP A 71 12.97 10.86 -11.41
C ASP A 71 11.49 10.70 -11.71
N LEU A 72 10.70 10.28 -10.71
CA LEU A 72 9.28 10.07 -10.95
C LEU A 72 8.54 11.39 -11.11
N THR A 73 8.96 12.44 -10.41
CA THR A 73 8.35 13.74 -10.67
C THR A 73 8.58 14.17 -12.12
N GLN A 74 9.79 13.95 -12.64
CA GLN A 74 10.02 14.30 -14.05
C GLN A 74 9.22 13.38 -14.96
N ALA A 75 9.10 12.10 -14.60
CA ALA A 75 8.31 11.17 -15.42
C ALA A 75 6.83 11.55 -15.40
N TRP A 76 6.32 12.00 -14.25
CA TRP A 76 4.94 12.47 -14.21
C TRP A 76 4.76 13.70 -15.10
N ALA A 77 5.74 14.60 -15.11
CA ALA A 77 5.72 15.72 -16.05
C ALA A 77 5.63 15.22 -17.49
N VAL A 78 6.38 14.17 -17.85
CA VAL A 78 6.23 13.56 -19.17
C VAL A 78 4.80 13.06 -19.36
N ALA A 79 4.27 12.36 -18.35
CA ALA A 79 2.90 11.83 -18.46
C ALA A 79 1.90 12.95 -18.70
N MET A 80 2.06 14.07 -17.99
CA MET A 80 1.16 15.21 -18.18
C MET A 80 1.33 15.82 -19.57
N ALA A 81 2.58 16.00 -20.00
CA ALA A 81 2.84 16.61 -21.30
C ALA A 81 2.26 15.77 -22.42
N LEU A 82 2.39 14.45 -22.34
CA LEU A 82 1.85 13.59 -23.40
C LEU A 82 0.39 13.24 -23.20
N GLY A 83 -0.18 13.57 -22.04
CA GLY A 83 -1.55 13.19 -21.74
C GLY A 83 -1.78 11.70 -21.58
N VAL A 84 -0.82 10.98 -21.00
CA VAL A 84 -0.90 9.53 -20.84
C VAL A 84 -1.00 9.12 -19.36
N GLU A 85 -1.40 10.05 -18.48
CA GLU A 85 -1.53 9.74 -17.07
C GLU A 85 -2.29 8.46 -16.84
N ASP A 86 -3.42 8.30 -17.52
CA ASP A 86 -4.29 7.16 -17.30
C ASP A 86 -3.66 5.85 -17.73
N LYS A 87 -2.65 5.89 -18.61
CA LYS A 87 -2.03 4.65 -19.04
C LYS A 87 -0.84 4.23 -18.19
N VAL A 88 -0.22 5.15 -17.45
CA VAL A 88 1.00 4.83 -16.70
C VAL A 88 0.80 4.85 -15.20
N THR A 89 -0.32 5.39 -14.70
CA THR A 89 -0.41 5.53 -13.24
C THR A 89 -0.38 4.18 -12.55
N VAL A 90 -1.22 3.23 -12.97
CA VAL A 90 -1.24 1.92 -12.28
C VAL A 90 0.09 1.19 -12.44
N PRO A 91 0.67 1.06 -13.63
CA PRO A 91 1.96 0.34 -13.73
C PRO A 91 3.08 1.03 -12.97
N LEU A 92 3.05 2.36 -12.82
CA LEU A 92 4.08 2.99 -12.01
C LEU A 92 3.91 2.64 -10.54
N PHE A 93 2.68 2.76 -10.01
CA PHE A 93 2.43 2.32 -8.63
C PHE A 93 2.88 0.88 -8.43
N GLU A 94 2.46 -0.03 -9.32
CA GLU A 94 2.80 -1.43 -9.11
C GLU A 94 4.30 -1.66 -9.24
N GLY A 95 4.95 -0.96 -10.18
CA GLY A 95 6.40 -1.14 -10.33
C GLY A 95 7.20 -0.67 -9.14
N VAL A 96 6.76 0.40 -8.48
CA VAL A 96 7.47 0.86 -7.29
C VAL A 96 7.12 0.02 -6.07
N GLN A 97 5.82 -0.23 -5.82
CA GLN A 97 5.37 -0.75 -4.53
C GLN A 97 5.00 -2.23 -4.55
N LYS A 98 4.49 -2.76 -5.67
CA LYS A 98 4.07 -4.15 -5.67
C LYS A 98 5.19 -5.09 -6.09
N THR A 99 5.67 -4.94 -7.33
CA THR A 99 6.74 -5.79 -7.86
C THR A 99 8.12 -5.27 -7.52
N GLN A 100 8.24 -4.00 -7.16
CA GLN A 100 9.53 -3.37 -6.90
C GLN A 100 10.50 -3.60 -8.06
N THR A 101 9.97 -3.53 -9.28
CA THR A 101 10.79 -3.63 -10.48
C THR A 101 11.28 -2.28 -10.97
N ILE A 102 10.81 -1.18 -10.40
CA ILE A 102 11.27 0.15 -10.82
C ILE A 102 12.40 0.54 -9.88
N ARG A 103 13.63 0.46 -10.37
CA ARG A 103 14.79 0.81 -9.58
C ARG A 103 15.63 1.93 -10.19
N SER A 104 15.31 2.37 -11.41
CA SER A 104 16.16 3.30 -12.13
C SER A 104 15.28 4.09 -13.08
N ALA A 105 15.83 5.22 -13.57
CA ALA A 105 15.11 5.97 -14.61
C ALA A 105 14.82 5.10 -15.83
N SER A 106 15.73 4.18 -16.18
CA SER A 106 15.46 3.29 -17.31
C SER A 106 14.22 2.43 -17.06
N ASP A 107 14.06 1.94 -15.83
CA ASP A 107 12.90 1.12 -15.51
C ASP A 107 11.61 1.93 -15.61
N ILE A 108 11.64 3.21 -15.23
CA ILE A 108 10.48 4.06 -15.42
C ILE A 108 10.13 4.14 -16.89
N ARG A 109 11.15 4.37 -17.72
CA ARG A 109 10.97 4.47 -19.15
C ARG A 109 10.33 3.20 -19.71
N ASP A 110 10.75 2.02 -19.22
CA ASP A 110 10.16 0.76 -19.73
C ASP A 110 8.64 0.75 -19.53
N VAL A 111 8.17 1.33 -18.42
CA VAL A 111 6.73 1.38 -18.15
C VAL A 111 6.01 2.19 -19.23
N PHE A 112 6.57 3.34 -19.61
CA PHE A 112 5.94 4.10 -20.70
C PHE A 112 6.02 3.33 -22.03
N ILE A 113 7.17 2.72 -22.33
CA ILE A 113 7.28 1.94 -23.56
C ILE A 113 6.22 0.84 -23.58
N ASN A 114 6.12 0.07 -22.49
CA ASN A 114 5.12 -1.00 -22.44
C ASN A 114 3.72 -0.45 -22.62
N ALA A 115 3.41 0.71 -22.04
CA ALA A 115 2.10 1.32 -22.23
C ALA A 115 1.91 1.90 -23.62
N GLY A 116 2.87 1.76 -24.52
CA GLY A 116 2.67 2.19 -25.88
C GLY A 116 3.18 3.56 -26.25
N ILE A 117 3.91 4.23 -25.37
CA ILE A 117 4.58 5.48 -25.75
C ILE A 117 5.86 5.11 -26.48
N LYS A 118 6.05 5.67 -27.67
CA LYS A 118 7.21 5.32 -28.46
C LYS A 118 8.49 5.78 -27.76
N GLY A 119 9.56 4.98 -27.91
CA GLY A 119 10.82 5.31 -27.27
C GLY A 119 11.31 6.70 -27.64
N GLU A 120 11.24 7.04 -28.93
CA GLU A 120 11.65 8.36 -29.41
C GLU A 120 10.84 9.45 -28.74
N GLU A 121 9.53 9.22 -28.59
CA GLU A 121 8.63 10.23 -28.06
C GLU A 121 8.84 10.44 -26.57
N TYR A 122 9.08 9.35 -25.84
CA TYR A 122 9.38 9.48 -24.42
C TYR A 122 10.66 10.27 -24.21
N ASP A 123 11.72 9.93 -24.95
CA ASP A 123 13.01 10.56 -24.75
C ASP A 123 12.98 12.04 -25.11
N ALA A 124 12.29 12.41 -26.19
CA ALA A 124 12.18 13.82 -26.54
C ALA A 124 11.45 14.58 -25.45
N ALA A 125 10.35 14.03 -24.94
CA ALA A 125 9.62 14.70 -23.87
C ALA A 125 10.46 14.79 -22.61
N TRP A 126 11.06 13.68 -22.20
CA TRP A 126 11.89 13.66 -21.00
C TRP A 126 12.90 14.79 -21.01
N ASN A 127 13.50 15.06 -22.16
CA ASN A 127 14.56 16.04 -22.29
C ASN A 127 14.06 17.44 -22.66
N SER A 128 12.75 17.63 -22.72
CA SER A 128 12.17 18.87 -23.22
C SER A 128 12.05 19.95 -22.14
N PHE A 129 12.12 21.21 -22.57
CA PHE A 129 11.92 22.30 -21.64
C PHE A 129 10.45 22.49 -21.28
N VAL A 130 9.52 22.00 -22.10
CA VAL A 130 8.13 21.93 -21.67
C VAL A 130 8.01 21.06 -20.42
N VAL A 131 8.73 19.93 -20.39
CA VAL A 131 8.72 19.05 -19.22
C VAL A 131 9.49 19.67 -18.06
N LYS A 132 10.64 20.30 -18.32
CA LYS A 132 11.31 21.04 -17.24
C LYS A 132 10.38 22.07 -16.61
N SER A 133 9.54 22.71 -17.42
CA SER A 133 8.63 23.71 -16.85
C SER A 133 7.54 23.05 -16.04
N LEU A 134 7.04 21.89 -16.49
CA LEU A 134 6.08 21.13 -15.70
C LEU A 134 6.67 20.67 -14.36
N VAL A 135 7.95 20.27 -14.37
CA VAL A 135 8.62 19.92 -13.11
C VAL A 135 8.65 21.12 -12.17
N ALA A 136 8.98 22.29 -12.71
CA ALA A 136 8.98 23.52 -11.91
C ALA A 136 7.60 23.83 -11.37
N GLN A 137 6.55 23.64 -12.17
CA GLN A 137 5.20 23.93 -11.66
C GLN A 137 4.87 23.01 -10.49
N GLN A 138 5.24 21.73 -10.59
CA GLN A 138 4.94 20.79 -9.51
C GLN A 138 5.67 21.16 -8.23
N GLU A 139 6.95 21.52 -8.33
CA GLU A 139 7.69 21.91 -7.13
C GLU A 139 7.14 23.20 -6.52
N LYS A 140 6.84 24.18 -7.36
CA LYS A 140 6.33 25.45 -6.87
C LYS A 140 5.00 25.29 -6.14
N ALA A 141 4.09 24.50 -6.72
CA ALA A 141 2.79 24.30 -6.07
C ALA A 141 2.95 23.65 -4.71
N ALA A 142 3.82 22.64 -4.61
CA ALA A 142 4.07 22.01 -3.31
C ALA A 142 4.69 22.99 -2.33
N ALA A 143 5.54 23.90 -2.84
CA ALA A 143 6.17 24.89 -1.96
C ALA A 143 5.17 25.94 -1.51
N ASP A 144 4.23 26.32 -2.39
CA ASP A 144 3.21 27.31 -2.04
C ASP A 144 2.36 26.89 -0.83
N VAL A 145 2.17 25.59 -0.61
CA VAL A 145 1.33 25.11 0.49
C VAL A 145 2.17 24.48 1.60
N GLN A 146 3.48 24.71 1.59
CA GLN A 146 4.41 24.08 2.54
C GLN A 146 4.07 22.60 2.73
N LEU A 147 4.01 21.88 1.62
CA LEU A 147 3.59 20.45 1.69
C LEU A 147 4.69 19.60 2.33
N ARG A 148 4.29 18.68 3.21
CA ARG A 148 5.27 17.76 3.87
C ARG A 148 4.67 16.34 3.90
N GLY A 149 3.44 16.19 3.39
CA GLY A 149 2.78 14.87 3.47
C GLY A 149 1.83 14.61 2.32
N VAL A 150 1.73 13.35 1.89
CA VAL A 150 0.78 12.94 0.86
C VAL A 150 0.06 11.70 1.35
N PRO A 151 -1.10 11.38 0.78
CA PRO A 151 -1.75 12.19 -0.25
C PRO A 151 -2.28 13.49 0.35
N ALA A 152 -2.41 14.51 -0.48
CA ALA A 152 -2.93 15.78 -0.01
C ALA A 152 -3.84 16.34 -1.09
N MET A 153 -4.90 17.02 -0.65
CA MET A 153 -5.76 17.70 -1.58
C MET A 153 -6.12 19.09 -1.06
N PHE A 154 -6.07 20.07 -1.98
CA PHE A 154 -6.30 21.47 -1.69
C PHE A 154 -7.36 22.00 -2.64
N VAL A 155 -8.30 22.77 -2.08
CA VAL A 155 -9.42 23.31 -2.85
C VAL A 155 -9.28 24.83 -2.88
N ASN A 156 -9.27 25.39 -4.09
CA ASN A 156 -9.20 26.84 -4.33
C ASN A 156 -8.04 27.48 -3.57
N GLY A 157 -6.92 26.79 -3.54
CA GLY A 157 -5.76 27.30 -2.86
C GLY A 157 -5.97 27.73 -1.42
N LYS A 158 -7.11 27.41 -0.80
CA LYS A 158 -7.36 27.89 0.56
C LYS A 158 -7.71 26.83 1.58
N TYR A 159 -8.23 25.67 1.18
CA TYR A 159 -8.66 24.64 2.12
C TYR A 159 -7.96 23.32 1.83
N GLN A 160 -7.53 22.64 2.88
CA GLN A 160 -6.86 21.34 2.79
C GLN A 160 -7.75 20.26 3.40
N LEU A 161 -8.04 19.23 2.60
CA LEU A 161 -8.80 18.08 3.11
C LEU A 161 -8.08 17.42 4.26
N ASN A 162 -8.85 16.97 5.25
CA ASN A 162 -8.28 16.24 6.41
C ASN A 162 -9.01 14.90 6.54
N PRO A 163 -8.54 13.82 5.88
CA PRO A 163 -9.24 12.54 5.90
C PRO A 163 -9.02 11.78 7.22
N GLN A 164 -8.00 12.17 7.99
CA GLN A 164 -7.66 11.44 9.24
C GLN A 164 -8.88 11.43 10.17
N GLY A 165 -9.72 12.46 10.09
CA GLY A 165 -10.96 12.49 10.89
C GLY A 165 -12.15 12.01 10.08
N MET A 166 -12.05 10.79 9.52
CA MET A 166 -13.17 10.22 8.72
C MET A 166 -13.25 8.71 8.97
N ASP A 167 -14.47 8.17 9.07
CA ASP A 167 -14.66 6.75 9.33
C ASP A 167 -14.17 5.95 8.12
N THR A 168 -13.27 4.99 8.38
CA THR A 168 -12.68 4.19 7.32
C THR A 168 -13.06 2.73 7.44
N SER A 169 -14.16 2.42 8.14
CA SER A 169 -14.61 1.04 8.20
C SER A 169 -15.28 0.60 6.91
N ASN A 170 -15.78 1.53 6.11
CA ASN A 170 -16.40 1.22 4.83
C ASN A 170 -15.74 2.08 3.77
N MET A 171 -15.10 1.44 2.77
CA MET A 171 -14.36 2.22 1.78
C MET A 171 -15.29 3.15 0.99
N ASP A 172 -16.45 2.64 0.59
CA ASP A 172 -17.34 3.43 -0.26
C ASP A 172 -17.88 4.65 0.48
N VAL A 173 -18.19 4.50 1.76
CA VAL A 173 -18.67 5.64 2.55
C VAL A 173 -17.55 6.66 2.72
N PHE A 174 -16.33 6.20 2.98
CA PHE A 174 -15.20 7.11 3.07
C PHE A 174 -15.03 7.92 1.80
N VAL A 175 -15.03 7.24 0.65
CA VAL A 175 -14.84 7.95 -0.63
C VAL A 175 -15.93 8.99 -0.83
N GLN A 176 -17.17 8.60 -0.54
CA GLN A 176 -18.30 9.51 -0.70
C GLN A 176 -18.17 10.72 0.23
N GLN A 177 -17.72 10.49 1.46
CA GLN A 177 -17.55 11.63 2.37
C GLN A 177 -16.42 12.55 1.91
N TYR A 178 -15.33 11.95 1.42
CA TYR A 178 -14.23 12.72 0.85
C TYR A 178 -14.72 13.58 -0.31
N ALA A 179 -15.46 12.96 -1.23
CA ALA A 179 -15.92 13.66 -2.42
C ALA A 179 -16.94 14.75 -2.07
N ASP A 180 -17.88 14.44 -1.15
CA ASP A 180 -18.85 15.45 -0.75
C ASP A 180 -18.21 16.62 -0.02
N THR A 181 -17.12 16.36 0.73
CA THR A 181 -16.39 17.44 1.39
C THR A 181 -15.72 18.35 0.36
N VAL A 182 -15.08 17.75 -0.64
CA VAL A 182 -14.48 18.55 -1.70
C VAL A 182 -15.55 19.41 -2.37
N LYS A 183 -16.70 18.83 -2.67
CA LYS A 183 -17.78 19.59 -3.28
C LYS A 183 -18.20 20.74 -2.38
N TYR A 184 -18.39 20.47 -1.09
CA TYR A 184 -18.72 21.52 -0.14
C TYR A 184 -17.65 22.61 -0.14
N LEU A 185 -16.37 22.23 -0.15
CA LEU A 185 -15.32 23.24 -0.11
C LEU A 185 -15.29 24.04 -1.40
N SER A 186 -15.52 23.40 -2.54
CA SER A 186 -15.49 24.10 -3.82
C SER A 186 -16.59 25.13 -3.93
N GLU A 187 -17.70 24.93 -3.20
CA GLU A 187 -18.86 25.81 -3.21
C GLU A 187 -18.76 26.95 -2.19
N LYS A 188 -17.76 26.94 -1.33
CA LYS A 188 -17.60 28.04 -0.38
C LYS A 188 -17.28 29.34 -1.12
N ALA B 1 30.38 -18.20 5.96
CA ALA B 1 29.12 -18.30 6.70
C ALA B 1 27.96 -17.88 5.80
N GLN B 2 28.28 -17.14 4.74
CA GLN B 2 27.29 -16.70 3.77
C GLN B 2 26.35 -15.64 4.35
N TYR B 3 25.78 -15.90 5.52
CA TYR B 3 24.77 -15.04 6.13
C TYR B 3 25.37 -14.21 7.26
N GLU B 4 25.30 -12.89 7.12
CA GLU B 4 25.93 -11.92 8.01
C GLU B 4 24.86 -11.10 8.72
N ASP B 5 25.11 -10.76 9.98
CA ASP B 5 24.22 -9.83 10.67
C ASP B 5 24.27 -8.48 9.97
N GLY B 6 23.10 -7.98 9.57
CA GLY B 6 23.00 -6.72 8.87
C GLY B 6 22.83 -6.81 7.38
N LYS B 7 23.09 -7.96 6.76
CA LYS B 7 22.82 -8.05 5.33
C LYS B 7 21.55 -8.86 5.04
N GLN B 8 21.59 -10.19 5.10
CA GLN B 8 20.37 -10.94 4.82
C GLN B 8 19.36 -10.90 5.96
N TYR B 9 19.80 -10.54 7.16
CA TYR B 9 18.93 -10.51 8.33
C TYR B 9 19.49 -9.51 9.34
N THR B 10 18.71 -9.29 10.40
CA THR B 10 19.14 -8.46 11.50
C THR B 10 18.66 -9.10 12.79
N THR B 11 19.17 -8.60 13.90
CA THR B 11 18.93 -9.20 15.21
C THR B 11 18.12 -8.26 16.08
N LEU B 12 17.09 -8.80 16.73
CA LEU B 12 16.24 -7.99 17.59
C LEU B 12 16.93 -7.74 18.93
N GLU B 13 16.94 -6.47 19.35
CA GLU B 13 17.62 -6.11 20.59
C GLU B 13 17.08 -6.91 21.77
N LYS B 14 15.77 -7.12 21.82
CA LYS B 14 15.18 -7.92 22.90
C LYS B 14 14.45 -9.12 22.31
N PRO B 15 15.03 -10.32 22.41
CA PRO B 15 14.36 -11.52 21.88
C PRO B 15 13.00 -11.75 22.53
N VAL B 16 12.01 -12.06 21.70
CA VAL B 16 10.66 -12.36 22.16
C VAL B 16 10.63 -13.81 22.67
N ALA B 17 10.23 -14.00 23.92
CA ALA B 17 10.12 -15.32 24.49
C ALA B 17 8.84 -16.00 24.04
N GLY B 18 8.93 -17.29 23.72
CA GLY B 18 7.78 -18.06 23.29
C GLY B 18 7.23 -17.70 21.94
N ALA B 19 7.97 -16.92 21.14
CA ALA B 19 7.50 -16.55 19.80
C ALA B 19 7.50 -17.76 18.88
N PRO B 20 6.75 -17.70 17.78
CA PRO B 20 6.77 -18.81 16.83
C PRO B 20 8.15 -18.93 16.19
N GLN B 21 8.45 -20.15 15.72
CA GLN B 21 9.75 -20.43 15.11
C GLN B 21 9.94 -19.60 13.84
N VAL B 22 8.94 -19.61 12.97
CA VAL B 22 8.92 -18.83 11.73
C VAL B 22 7.61 -18.06 11.69
N LEU B 23 7.69 -16.73 11.74
CA LEU B 23 6.53 -15.87 11.88
C LEU B 23 6.53 -14.83 10.76
N GLU B 24 5.51 -14.89 9.92
CA GLU B 24 5.28 -13.86 8.90
C GLU B 24 4.18 -12.90 9.36
N PHE B 25 4.37 -11.62 9.05
CA PHE B 25 3.32 -10.62 9.18
C PHE B 25 2.95 -10.10 7.79
N PHE B 26 1.67 -9.92 7.54
CA PHE B 26 1.24 -9.40 6.25
C PHE B 26 -0.04 -8.61 6.44
N SER B 27 -0.51 -7.99 5.34
CA SER B 27 -1.82 -7.36 5.32
C SER B 27 -2.46 -7.60 3.97
N PHE B 28 -3.78 -7.79 3.98
CA PHE B 28 -4.48 -7.95 2.70
C PHE B 28 -4.53 -6.66 1.90
N PHE B 29 -4.22 -5.52 2.52
CA PHE B 29 -4.13 -4.24 1.83
C PHE B 29 -2.75 -3.99 1.25
N CYS B 30 -1.82 -4.92 1.48
CA CYS B 30 -0.41 -4.70 1.08
C CYS B 30 -0.09 -5.40 -0.24
N PRO B 31 0.12 -4.64 -1.34
CA PRO B 31 0.43 -5.22 -2.65
C PRO B 31 1.72 -6.06 -2.63
N HIS B 32 2.75 -5.57 -1.93
CA HIS B 32 4.05 -6.30 -1.87
C HIS B 32 3.83 -7.66 -1.18
N CYS B 33 2.98 -7.68 -0.15
CA CYS B 33 2.64 -8.96 0.52
C CYS B 33 1.94 -9.84 -0.52
N TYR B 34 1.00 -9.27 -1.27
CA TYR B 34 0.37 -10.01 -2.36
C TYR B 34 1.43 -10.57 -3.31
N GLN B 35 2.37 -9.72 -3.74
CA GLN B 35 3.48 -10.16 -4.57
C GLN B 35 4.26 -11.29 -3.91
N PHE B 36 4.60 -11.14 -2.62
CA PHE B 36 5.41 -12.14 -1.93
C PHE B 36 4.72 -13.49 -1.92
N GLU B 37 3.44 -13.50 -1.60
CA GLU B 37 2.74 -14.75 -1.31
C GLU B 37 2.22 -15.44 -2.57
N GLU B 38 1.70 -14.69 -3.53
CA GLU B 38 0.99 -15.28 -4.65
C GLU B 38 1.66 -15.06 -6.01
N VAL B 39 2.79 -14.38 -6.07
CA VAL B 39 3.55 -14.28 -7.32
C VAL B 39 4.91 -14.94 -7.13
N LEU B 40 5.64 -14.51 -6.11
CA LEU B 40 6.93 -15.13 -5.81
C LEU B 40 6.79 -16.43 -5.03
N HIS B 41 5.66 -16.66 -4.36
CA HIS B 41 5.45 -17.86 -3.55
C HIS B 41 6.55 -18.04 -2.53
N ILE B 42 6.90 -16.97 -1.83
CA ILE B 42 8.00 -17.05 -0.89
C ILE B 42 7.67 -18.02 0.25
N SER B 43 6.43 -17.99 0.77
CA SER B 43 6.11 -18.91 1.86
C SER B 43 6.25 -20.36 1.44
N ASP B 44 5.76 -20.70 0.24
N ASP B 44 5.76 -20.70 0.24
CA ASP B 44 5.91 -22.07 -0.28
CA ASP B 44 5.91 -22.08 -0.24
C ASP B 44 7.38 -22.46 -0.38
C ASP B 44 7.39 -22.46 -0.36
N ASN B 45 8.21 -21.53 -0.84
CA ASN B 45 9.63 -21.86 -1.04
C ASN B 45 10.38 -21.96 0.28
N VAL B 46 9.99 -21.15 1.26
CA VAL B 46 10.58 -21.28 2.60
C VAL B 46 10.23 -22.63 3.20
N LYS B 47 8.95 -22.99 3.13
CA LYS B 47 8.48 -24.24 3.72
C LYS B 47 9.20 -25.45 3.13
N LYS B 48 9.40 -25.46 1.82
CA LYS B 48 10.07 -26.61 1.19
C LYS B 48 11.47 -26.82 1.73
N LYS B 49 12.10 -25.79 2.29
CA LYS B 49 13.47 -25.91 2.78
C LYS B 49 13.56 -25.88 4.29
N LEU B 50 12.44 -25.76 4.99
CA LEU B 50 12.53 -25.73 6.44
C LEU B 50 12.86 -27.12 6.97
N PRO B 51 13.61 -27.19 8.07
CA PRO B 51 13.87 -28.49 8.69
C PRO B 51 12.59 -29.14 9.21
N GLU B 52 12.71 -30.36 9.72
CA GLU B 52 11.57 -31.10 10.23
C GLU B 52 11.10 -30.54 11.57
N GLY B 53 9.78 -30.52 11.76
CA GLY B 53 9.20 -30.02 12.99
C GLY B 53 9.09 -28.51 13.08
N VAL B 54 9.53 -27.77 12.06
CA VAL B 54 9.39 -26.33 12.02
C VAL B 54 8.12 -25.97 11.28
N LYS B 55 7.23 -25.27 11.96
CA LYS B 55 5.94 -24.85 11.42
C LYS B 55 6.01 -23.37 11.04
N MET B 56 5.21 -22.98 10.06
CA MET B 56 5.15 -21.60 9.63
C MET B 56 3.91 -20.94 10.16
N THR B 57 4.06 -19.75 10.72
CA THR B 57 2.98 -19.00 11.32
C THR B 57 2.82 -17.68 10.57
N LYS B 58 1.58 -17.32 10.26
CA LYS B 58 1.28 -16.10 9.49
C LYS B 58 0.23 -15.31 10.22
N TYR B 59 0.53 -14.05 10.54
CA TYR B 59 -0.36 -13.16 11.25
C TYR B 59 -0.67 -11.95 10.39
N HIS B 60 -1.90 -11.48 10.48
CA HIS B 60 -2.35 -10.26 9.82
C HIS B 60 -2.15 -9.08 10.77
N VAL B 61 -1.98 -7.88 10.20
CA VAL B 61 -1.69 -6.69 10.98
C VAL B 61 -2.82 -5.68 10.78
N ASN B 62 -2.95 -4.78 11.76
CA ASN B 62 -4.05 -3.83 11.79
C ASN B 62 -3.78 -2.54 11.02
N PHE B 63 -2.52 -2.18 10.74
CA PHE B 63 -2.18 -0.78 10.50
C PHE B 63 -2.21 -0.37 9.02
N MET B 64 -2.68 -1.21 8.13
CA MET B 64 -3.01 -0.78 6.78
C MET B 64 -4.53 -0.90 6.60
N GLY B 65 -5.09 -0.04 5.75
CA GLY B 65 -6.49 -0.16 5.41
C GLY B 65 -7.48 0.39 6.42
N GLY B 66 -7.06 1.32 7.28
CA GLY B 66 -7.99 1.93 8.24
C GLY B 66 -8.62 0.92 9.17
N ASP B 67 -9.87 1.17 9.55
CA ASP B 67 -10.60 0.27 10.44
C ASP B 67 -11.02 -1.01 9.74
N LEU B 68 -11.12 -1.01 8.41
CA LEU B 68 -11.38 -2.25 7.70
C LEU B 68 -10.22 -3.22 7.84
N GLY B 69 -8.98 -2.72 7.93
CA GLY B 69 -7.84 -3.59 8.15
C GLY B 69 -7.95 -4.37 9.44
N LYS B 70 -8.51 -3.74 10.48
CA LYS B 70 -8.74 -4.43 11.74
C LYS B 70 -9.77 -5.56 11.57
N ASP B 71 -10.82 -5.32 10.78
CA ASP B 71 -11.75 -6.41 10.50
C ASP B 71 -11.06 -7.55 9.76
N LEU B 72 -10.11 -7.23 8.88
CA LEU B 72 -9.39 -8.30 8.16
C LEU B 72 -8.49 -9.10 9.09
N THR B 73 -7.89 -8.46 10.08
CA THR B 73 -7.17 -9.21 11.10
C THR B 73 -8.09 -10.20 11.82
N GLN B 74 -9.32 -9.78 12.11
CA GLN B 74 -10.27 -10.72 12.71
C GLN B 74 -10.70 -11.79 11.71
N ALA B 75 -10.84 -11.43 10.43
CA ALA B 75 -11.19 -12.44 9.43
C ALA B 75 -10.08 -13.47 9.26
N TRP B 76 -8.82 -13.04 9.36
CA TRP B 76 -7.71 -13.98 9.25
C TRP B 76 -7.69 -14.92 10.45
N ALA B 77 -8.04 -14.40 11.64
CA ALA B 77 -8.21 -15.30 12.79
C ALA B 77 -9.26 -16.36 12.51
N VAL B 78 -10.37 -15.96 11.88
CA VAL B 78 -11.40 -16.94 11.54
C VAL B 78 -10.84 -17.96 10.55
N ALA B 79 -10.10 -17.50 9.54
CA ALA B 79 -9.51 -18.43 8.58
C ALA B 79 -8.59 -19.43 9.29
N MET B 80 -7.81 -18.94 10.24
CA MET B 80 -6.90 -19.83 10.98
C MET B 80 -7.69 -20.81 11.84
N ALA B 81 -8.71 -20.31 12.54
CA ALA B 81 -9.50 -21.18 13.42
C ALA B 81 -10.25 -22.24 12.63
N LEU B 82 -10.72 -21.90 11.44
CA LEU B 82 -11.45 -22.86 10.60
C LEU B 82 -10.53 -23.68 9.71
N GLY B 83 -9.25 -23.34 9.66
CA GLY B 83 -8.33 -24.01 8.74
C GLY B 83 -8.64 -23.84 7.27
N VAL B 84 -9.02 -22.63 6.85
CA VAL B 84 -9.34 -22.39 5.44
C VAL B 84 -8.44 -21.32 4.84
N GLU B 85 -7.23 -21.19 5.39
CA GLU B 85 -6.31 -20.16 4.88
C GLU B 85 -6.12 -20.29 3.39
N ASP B 86 -5.89 -21.51 2.91
CA ASP B 86 -5.59 -21.70 1.49
C ASP B 86 -6.84 -21.67 0.63
N LYS B 87 -8.01 -21.46 1.21
CA LYS B 87 -9.21 -21.25 0.42
C LYS B 87 -9.61 -19.78 0.31
N VAL B 88 -9.17 -18.92 1.23
CA VAL B 88 -9.63 -17.54 1.27
C VAL B 88 -8.50 -16.53 1.03
N THR B 89 -7.24 -16.94 1.01
CA THR B 89 -6.13 -15.99 0.92
C THR B 89 -6.17 -15.19 -0.39
N VAL B 90 -6.24 -15.87 -1.53
CA VAL B 90 -6.21 -15.14 -2.79
C VAL B 90 -7.52 -14.38 -2.97
N PRO B 91 -8.69 -15.00 -2.75
CA PRO B 91 -9.94 -14.24 -2.82
C PRO B 91 -9.94 -12.97 -1.96
N LEU B 92 -9.33 -13.02 -0.78
CA LEU B 92 -9.30 -11.82 0.06
C LEU B 92 -8.36 -10.78 -0.53
N PHE B 93 -7.17 -11.20 -0.99
CA PHE B 93 -6.27 -10.29 -1.70
C PHE B 93 -6.98 -9.68 -2.91
N GLU B 94 -7.59 -10.53 -3.73
CA GLU B 94 -8.26 -10.06 -4.94
C GLU B 94 -9.40 -9.13 -4.59
N GLY B 95 -10.23 -9.50 -3.62
CA GLY B 95 -11.37 -8.70 -3.27
C GLY B 95 -11.00 -7.31 -2.76
N VAL B 96 -9.90 -7.22 -2.02
CA VAL B 96 -9.45 -5.93 -1.53
C VAL B 96 -8.79 -5.12 -2.65
N GLN B 97 -7.83 -5.72 -3.36
CA GLN B 97 -6.93 -4.93 -4.19
C GLN B 97 -7.25 -4.93 -5.69
N LYS B 98 -8.00 -5.90 -6.20
CA LYS B 98 -8.16 -6.04 -7.64
C LYS B 98 -9.61 -5.93 -8.11
N THR B 99 -10.49 -6.85 -7.71
CA THR B 99 -11.89 -6.73 -8.09
C THR B 99 -12.63 -5.67 -7.26
N GLN B 100 -12.03 -5.28 -6.14
CA GLN B 100 -12.57 -4.27 -5.23
C GLN B 100 -14.03 -4.57 -4.87
N THR B 101 -14.27 -5.81 -4.46
CA THR B 101 -15.57 -6.18 -3.92
C THR B 101 -15.56 -6.27 -2.40
N ILE B 102 -14.41 -6.15 -1.76
CA ILE B 102 -14.35 -6.12 -0.30
C ILE B 102 -14.23 -4.66 0.10
N ARG B 103 -15.33 -4.09 0.59
CA ARG B 103 -15.41 -2.70 0.96
C ARG B 103 -15.78 -2.51 2.42
N SER B 104 -16.26 -3.55 3.09
CA SER B 104 -16.66 -3.49 4.48
C SER B 104 -16.62 -4.91 5.05
N ALA B 105 -16.83 -5.01 6.37
CA ALA B 105 -16.76 -6.32 7.03
C ALA B 105 -17.76 -7.31 6.43
N SER B 106 -18.92 -6.82 5.98
CA SER B 106 -19.93 -7.71 5.39
C SER B 106 -19.40 -8.41 4.15
N ASP B 107 -18.61 -7.72 3.33
CA ASP B 107 -18.11 -8.37 2.13
C ASP B 107 -17.13 -9.49 2.46
N ILE B 108 -16.42 -9.36 3.59
CA ILE B 108 -15.50 -10.42 4.00
C ILE B 108 -16.26 -11.73 4.19
N ARG B 109 -17.38 -11.65 4.92
CA ARG B 109 -18.21 -12.81 5.19
C ARG B 109 -18.61 -13.53 3.91
N ASP B 110 -18.98 -12.77 2.87
CA ASP B 110 -19.38 -13.40 1.61
C ASP B 110 -18.24 -14.20 0.99
N VAL B 111 -17.00 -13.76 1.19
CA VAL B 111 -15.87 -14.48 0.64
C VAL B 111 -15.79 -15.89 1.24
N PHE B 112 -15.96 -15.98 2.57
CA PHE B 112 -15.98 -17.28 3.24
C PHE B 112 -17.19 -18.11 2.80
N ILE B 113 -18.37 -17.49 2.74
CA ILE B 113 -19.55 -18.23 2.30
C ILE B 113 -19.35 -18.74 0.89
N ASN B 114 -18.78 -17.92 0.02
CA ASN B 114 -18.54 -18.34 -1.35
C ASN B 114 -17.49 -19.43 -1.47
N ALA B 115 -16.65 -19.61 -0.45
CA ALA B 115 -15.68 -20.70 -0.45
C ALA B 115 -16.24 -21.98 0.18
N GLY B 116 -17.51 -21.98 0.60
CA GLY B 116 -18.11 -23.18 1.17
C GLY B 116 -18.32 -23.19 2.68
N ILE B 117 -17.89 -22.15 3.40
CA ILE B 117 -18.19 -22.04 4.82
C ILE B 117 -19.63 -21.58 4.99
N LYS B 118 -20.39 -22.26 5.85
CA LYS B 118 -21.76 -21.82 6.08
C LYS B 118 -21.77 -20.54 6.91
N GLY B 119 -22.73 -19.66 6.60
CA GLY B 119 -22.77 -18.37 7.26
C GLY B 119 -22.84 -18.47 8.77
N GLU B 120 -23.65 -19.39 9.28
CA GLU B 120 -23.81 -19.51 10.73
C GLU B 120 -22.52 -19.96 11.38
N GLU B 121 -21.72 -20.77 10.67
CA GLU B 121 -20.44 -21.20 11.19
C GLU B 121 -19.43 -20.06 11.18
N TYR B 122 -19.40 -19.27 10.10
CA TYR B 122 -18.53 -18.10 10.07
C TYR B 122 -18.88 -17.14 11.21
N ASP B 123 -20.18 -16.90 11.42
CA ASP B 123 -20.60 -16.00 12.49
C ASP B 123 -20.20 -16.55 13.86
N ALA B 124 -20.47 -17.85 14.09
CA ALA B 124 -20.04 -18.45 15.35
C ALA B 124 -18.54 -18.32 15.55
N ALA B 125 -17.75 -18.64 14.52
CA ALA B 125 -16.30 -18.49 14.66
C ALA B 125 -15.92 -17.04 14.94
N TRP B 126 -16.51 -16.11 14.17
CA TRP B 126 -16.18 -14.69 14.33
C TRP B 126 -16.34 -14.24 15.78
N ASN B 127 -17.40 -14.69 16.42
CA ASN B 127 -17.71 -14.31 17.80
C ASN B 127 -17.10 -15.24 18.84
N SER B 128 -16.23 -16.15 18.42
CA SER B 128 -15.78 -17.21 19.30
C SER B 128 -14.70 -16.70 20.25
N PHE B 129 -14.50 -17.45 21.34
CA PHE B 129 -13.38 -17.19 22.24
C PHE B 129 -12.05 -17.51 21.55
N VAL B 130 -12.01 -18.57 20.75
CA VAL B 130 -10.78 -18.88 20.03
C VAL B 130 -10.35 -17.71 19.15
N VAL B 131 -11.30 -17.12 18.44
CA VAL B 131 -10.95 -16.02 17.52
C VAL B 131 -10.58 -14.76 18.29
N LYS B 132 -11.30 -14.47 19.38
CA LYS B 132 -10.92 -13.31 20.20
C LYS B 132 -9.47 -13.45 20.68
N SER B 133 -9.09 -14.66 21.12
CA SER B 133 -7.72 -14.89 21.58
C SER B 133 -6.71 -14.81 20.44
N LEU B 134 -7.09 -15.31 19.26
CA LEU B 134 -6.20 -15.20 18.09
C LEU B 134 -5.96 -13.75 17.67
N VAL B 135 -7.00 -12.90 17.72
CA VAL B 135 -6.79 -11.48 17.42
C VAL B 135 -5.83 -10.86 18.43
N ALA B 136 -6.03 -11.17 19.71
CA ALA B 136 -5.13 -10.64 20.74
C ALA B 136 -3.70 -11.11 20.49
N GLN B 137 -3.55 -12.38 20.10
CA GLN B 137 -2.23 -12.95 19.87
C GLN B 137 -1.53 -12.29 18.69
N GLN B 138 -2.26 -12.03 17.60
CA GLN B 138 -1.62 -11.37 16.46
C GLN B 138 -1.17 -9.95 16.82
N GLU B 139 -2.02 -9.20 17.51
CA GLU B 139 -1.64 -7.85 17.92
C GLU B 139 -0.46 -7.89 18.88
N LYS B 140 -0.50 -8.79 19.86
CA LYS B 140 0.60 -8.89 20.81
C LYS B 140 1.91 -9.21 20.10
N ALA B 141 1.89 -10.16 19.16
CA ALA B 141 3.12 -10.53 18.46
C ALA B 141 3.71 -9.34 17.71
N ALA B 142 2.86 -8.53 17.08
CA ALA B 142 3.36 -7.32 16.41
C ALA B 142 3.93 -6.33 17.41
N ALA B 143 3.23 -6.08 18.51
CA ALA B 143 3.78 -5.19 19.53
C ALA B 143 5.10 -5.73 20.10
N ASP B 144 5.24 -7.06 20.20
CA ASP B 144 6.43 -7.64 20.81
C ASP B 144 7.69 -7.42 19.97
N VAL B 145 7.56 -7.42 18.64
CA VAL B 145 8.71 -7.12 17.78
C VAL B 145 8.72 -5.68 17.31
N GLN B 146 7.82 -4.84 17.82
CA GLN B 146 7.76 -3.43 17.45
C GLN B 146 7.65 -3.28 15.93
N LEU B 147 6.78 -4.10 15.34
CA LEU B 147 6.62 -4.10 13.89
C LEU B 147 6.21 -2.73 13.37
N ARG B 148 6.89 -2.27 12.32
CA ARG B 148 6.49 -1.01 11.71
C ARG B 148 6.12 -1.11 10.24
N GLY B 149 6.14 -2.30 9.65
CA GLY B 149 5.75 -2.45 8.26
C GLY B 149 5.71 -3.90 7.85
N VAL B 150 4.99 -4.16 6.76
CA VAL B 150 4.86 -5.50 6.19
C VAL B 150 5.16 -5.42 4.69
N PRO B 151 5.54 -6.54 4.06
CA PRO B 151 5.76 -7.85 4.68
C PRO B 151 6.95 -7.88 5.64
N ALA B 152 6.93 -8.83 6.57
CA ALA B 152 8.05 -9.05 7.49
C ALA B 152 8.09 -10.51 7.89
N MET B 153 9.26 -10.97 8.33
CA MET B 153 9.38 -12.33 8.83
C MET B 153 10.37 -12.36 9.98
N PHE B 154 10.04 -13.12 11.02
CA PHE B 154 10.92 -13.25 12.17
C PHE B 154 11.13 -14.72 12.49
N VAL B 155 12.36 -15.06 12.88
CA VAL B 155 12.73 -16.44 13.20
C VAL B 155 13.00 -16.52 14.70
N ASN B 156 12.23 -17.38 15.38
CA ASN B 156 12.44 -17.67 16.81
C ASN B 156 12.36 -16.41 17.67
N GLY B 157 11.60 -15.42 17.21
CA GLY B 157 11.51 -14.16 17.92
C GLY B 157 12.83 -13.45 18.09
N LYS B 158 13.83 -13.79 17.29
CA LYS B 158 15.19 -13.27 17.48
C LYS B 158 15.74 -12.57 16.25
N TYR B 159 15.44 -13.06 15.06
CA TYR B 159 16.04 -12.54 13.83
C TYR B 159 14.95 -12.07 12.87
N GLN B 160 15.21 -10.95 12.21
CA GLN B 160 14.29 -10.39 11.22
C GLN B 160 14.94 -10.49 9.85
N LEU B 161 14.22 -11.11 8.91
CA LEU B 161 14.74 -11.19 7.54
C LEU B 161 14.90 -9.81 6.96
N ASN B 162 15.81 -9.68 6.00
CA ASN B 162 16.17 -8.38 5.43
C ASN B 162 16.32 -8.51 3.92
N PRO B 163 15.20 -8.62 3.19
CA PRO B 163 15.30 -8.83 1.74
C PRO B 163 15.97 -7.68 1.00
N GLN B 164 16.03 -6.47 1.57
CA GLN B 164 16.80 -5.43 0.90
C GLN B 164 18.30 -5.68 0.95
N GLY B 165 18.77 -6.48 1.91
CA GLY B 165 20.17 -6.89 1.92
C GLY B 165 20.42 -8.16 1.12
N MET B 166 19.46 -8.53 0.27
CA MET B 166 19.57 -9.68 -0.61
C MET B 166 19.71 -9.21 -2.06
N ASP B 167 20.05 -10.14 -2.94
CA ASP B 167 20.29 -9.85 -4.34
C ASP B 167 18.96 -9.87 -5.09
N THR B 168 18.51 -8.69 -5.53
CA THR B 168 17.23 -8.50 -6.19
C THR B 168 17.30 -8.66 -7.71
N SER B 169 18.47 -8.93 -8.28
CA SER B 169 18.62 -8.93 -9.73
C SER B 169 17.84 -10.05 -10.40
N ASN B 170 17.88 -11.25 -9.81
CA ASN B 170 17.18 -12.42 -10.32
C ASN B 170 16.16 -12.88 -9.28
N MET B 171 14.87 -12.87 -9.65
CA MET B 171 13.83 -13.19 -8.68
C MET B 171 13.88 -14.66 -8.26
N ASP B 172 14.11 -15.57 -9.21
CA ASP B 172 14.26 -16.97 -8.84
C ASP B 172 15.38 -17.15 -7.84
N VAL B 173 16.51 -16.48 -8.06
CA VAL B 173 17.66 -16.60 -7.15
C VAL B 173 17.34 -15.89 -5.83
N PHE B 174 16.69 -14.73 -5.92
CA PHE B 174 16.25 -14.04 -4.72
C PHE B 174 15.36 -14.94 -3.86
N VAL B 175 14.38 -15.60 -4.47
CA VAL B 175 13.45 -16.41 -3.68
C VAL B 175 14.20 -17.51 -2.93
N GLN B 176 15.11 -18.21 -3.62
CA GLN B 176 15.90 -19.24 -2.94
C GLN B 176 16.88 -18.65 -1.93
N GLN B 177 17.39 -17.43 -2.16
CA GLN B 177 18.24 -16.80 -1.16
C GLN B 177 17.45 -16.50 0.11
N TYR B 178 16.24 -15.96 -0.07
CA TYR B 178 15.34 -15.76 1.07
C TYR B 178 15.09 -17.08 1.82
N ALA B 179 14.70 -18.13 1.08
CA ALA B 179 14.37 -19.39 1.71
C ALA B 179 15.58 -20.01 2.40
N ASP B 180 16.76 -19.91 1.76
CA ASP B 180 17.99 -20.43 2.36
C ASP B 180 18.36 -19.66 3.63
N THR B 181 18.11 -18.35 3.65
CA THR B 181 18.37 -17.55 4.84
C THR B 181 17.50 -18.01 6.00
N VAL B 182 16.21 -18.23 5.75
CA VAL B 182 15.31 -18.70 6.81
C VAL B 182 15.83 -20.02 7.38
N LYS B 183 16.19 -20.96 6.49
CA LYS B 183 16.70 -22.27 6.94
C LYS B 183 17.89 -22.09 7.86
N TYR B 184 18.91 -21.35 7.41
CA TYR B 184 20.05 -21.02 8.25
C TYR B 184 19.62 -20.47 9.60
N LEU B 185 18.68 -19.51 9.60
CA LEU B 185 18.32 -18.86 10.86
C LEU B 185 17.58 -19.81 11.79
N SER B 186 16.77 -20.71 11.23
CA SER B 186 16.05 -21.64 12.09
C SER B 186 16.98 -22.66 12.74
N GLU B 187 18.17 -22.85 12.19
CA GLU B 187 19.17 -23.78 12.73
C GLU B 187 20.15 -23.11 13.68
N LYS B 188 20.07 -21.79 13.86
CA LYS B 188 20.89 -21.09 14.83
C LYS B 188 20.46 -21.45 16.26
#